data_3FZH
#
_entry.id   3FZH
#
_cell.length_a   40.576
_cell.length_b   120.827
_cell.length_c   53.519
_cell.angle_alpha   90.00
_cell.angle_beta   106.62
_cell.angle_gamma   90.00
#
_symmetry.space_group_name_H-M   'P 1 21 1'
#
loop_
_entity.id
_entity.type
_entity.pdbx_description
1 polymer 'Heat shock cognate 71 kDa protein'
2 polymer 'BAG family molecular chaperone regulator 1'
3 non-polymer (2R,3R,4S,5R)-2-(6,8-diaminopurin-9-yl)-5-(hydroxymethyl)oxolane-3,4-diol
4 water water
#
loop_
_entity_poly.entity_id
_entity_poly.type
_entity_poly.pdbx_seq_one_letter_code
_entity_poly.pdbx_strand_id
1 'polypeptide(L)'
;YFQGPAVGIDLGTTYSCVGVFQHGKVEIIANDQGNRTTPSYVAFTDTERLIGDAAKNQVAMNPTNTVFDAKRLIGRRFDD
AVVQSDMKHWPFMVVNDAGRPKVQVEYKGETKSFYPEEVSSMVLTKMKEIAEAYLGKTVTNAVVTVPAYFNDSQRQATKD
AGTIAGLNVLRIINEPTAAAIAYGLDKKVGAERNVLIFDLGGGTFDVSILTIEDGIFEVKSTAGDTHLGGEDFDNRMVNH
FIAEFKRKHKKDISENKRAVRRLRTACERAKRTLSSSTQASIEIDSLYEGIDFYTSITRARFEELNADLFRGTLDPVEKA
LRDAKLDKSQIHDIVLVGGSTRIPKIQKLLQDFFNGKELNKSINPDEAVAYGAAVQAAILS
;
A
2 'polypeptide(L)'
;GNSPQEEVELKKLKHLEKSVEKIADQLEELNKELTGIQQGFLPKDLQAEALCKLDRRVKATIEQFMKILEEIDTLILPEN
FKDSRLKRKGLVKKVQAFLAECDTVEQNICQETE
;
B
#
loop_
_chem_comp.id
_chem_comp.type
_chem_comp.name
_chem_comp.formula
3BH non-polymer (2R,3R,4S,5R)-2-(6,8-diaminopurin-9-yl)-5-(hydroxymethyl)oxolane-3,4-diol 'C10 H14 N6 O4'
#
# COMPACT_ATOMS: atom_id res chain seq x y z
N PRO A 5 -5.62 28.41 5.26
CA PRO A 5 -5.28 27.30 4.36
C PRO A 5 -6.13 26.06 4.65
N ALA A 6 -6.70 25.48 3.59
CA ALA A 6 -7.50 24.28 3.71
C ALA A 6 -6.83 23.16 2.93
N VAL A 7 -6.94 21.94 3.43
CA VAL A 7 -6.39 20.79 2.73
C VAL A 7 -7.49 19.83 2.31
N GLY A 8 -7.19 19.04 1.28
CA GLY A 8 -8.05 17.94 0.89
C GLY A 8 -7.37 16.66 1.26
N ILE A 9 -8.13 15.75 1.87
CA ILE A 9 -7.57 14.47 2.32
C ILE A 9 -8.36 13.30 1.74
N ASP A 10 -7.65 12.51 0.96
CA ASP A 10 -8.08 11.19 0.56
C ASP A 10 -7.65 10.26 1.69
N LEU A 11 -8.63 9.86 2.50
CA LEU A 11 -8.43 8.89 3.55
C LEU A 11 -8.69 7.50 2.95
N GLY A 12 -7.64 6.84 2.49
CA GLY A 12 -7.78 5.59 1.74
C GLY A 12 -7.67 4.35 2.60
N THR A 13 -8.10 3.21 2.06
CA THR A 13 -8.09 1.97 2.85
C THR A 13 -6.68 1.56 3.20
N THR A 14 -5.76 1.67 2.25
CA THR A 14 -4.36 1.23 2.43
C THR A 14 -3.38 2.41 2.51
N TYR A 15 -3.62 3.46 1.71
CA TYR A 15 -2.78 4.65 1.66
C TYR A 15 -3.66 5.90 1.70
N SER A 16 -3.17 6.96 2.36
CA SER A 16 -3.83 8.26 2.36
C SER A 16 -3.01 9.36 1.67
N CYS A 17 -3.68 10.41 1.23
CA CYS A 17 -3.06 11.46 0.45
C CYS A 17 -3.63 12.81 0.84
N VAL A 18 -2.75 13.80 1.00
CA VAL A 18 -3.16 15.17 1.32
C VAL A 18 -2.63 16.15 0.26
N GLY A 19 -3.51 17.03 -0.19
CA GLY A 19 -3.14 18.12 -1.06
C GLY A 19 -3.54 19.50 -0.54
N VAL A 20 -2.92 20.52 -1.10
CA VAL A 20 -3.28 21.90 -0.77
C VAL A 20 -3.26 22.69 -2.08
N PHE A 21 -4.34 23.39 -2.34
CA PHE A 21 -4.42 24.31 -3.46
C PHE A 21 -3.82 25.66 -3.04
N GLN A 22 -2.64 25.98 -3.59
CA GLN A 22 -1.93 27.22 -3.27
C GLN A 22 -1.27 27.79 -4.52
N HIS A 23 -1.28 29.12 -4.65
CA HIS A 23 -0.70 29.81 -5.82
C HIS A 23 -1.18 29.23 -7.16
N GLY A 24 -2.50 29.03 -7.26
CA GLY A 24 -3.16 28.60 -8.51
C GLY A 24 -3.09 27.13 -8.91
N LYS A 25 -2.45 26.31 -8.08
CA LYS A 25 -2.14 24.92 -8.43
C LYS A 25 -2.23 24.03 -7.19
N VAL A 26 -2.65 22.77 -7.36
CA VAL A 26 -2.62 21.80 -6.27
C VAL A 26 -1.20 21.27 -6.06
N GLU A 27 -0.73 21.31 -4.83
CA GLU A 27 0.49 20.62 -4.45
C GLU A 27 0.14 19.38 -3.65
N ILE A 28 0.47 18.21 -4.18
CA ILE A 28 0.34 16.95 -3.42
C ILE A 28 1.52 16.85 -2.46
N ILE A 29 1.21 16.77 -1.15
CA ILE A 29 2.20 17.01 -0.11
C ILE A 29 2.96 15.74 0.28
N ALA A 30 4.29 15.81 0.21
CA ALA A 30 5.13 14.69 0.62
C ALA A 30 5.22 14.60 2.14
N ASN A 31 5.20 13.37 2.68
CA ASN A 31 5.35 13.20 4.13
C ASN A 31 6.82 13.34 4.59
N ASP A 32 7.09 13.10 5.87
CA ASP A 32 8.45 13.21 6.41
C ASP A 32 9.48 12.30 5.72
N GLN A 33 9.01 11.22 5.10
CA GLN A 33 9.88 10.29 4.34
C GLN A 33 9.98 10.65 2.87
N GLY A 34 9.33 11.73 2.45
CA GLY A 34 9.33 12.14 1.05
C GLY A 34 8.32 11.40 0.18
N ASN A 35 7.37 10.71 0.82
CA ASN A 35 6.36 9.93 0.10
C ASN A 35 5.08 10.73 -0.04
N ARG A 36 4.58 10.83 -1.27
CA ARG A 36 3.35 11.59 -1.59
C ARG A 36 2.04 10.87 -1.20
N THR A 37 2.13 9.58 -0.85
CA THR A 37 1.06 8.91 -0.11
C THR A 37 1.63 8.32 1.19
N THR A 38 0.74 8.06 2.16
CA THR A 38 1.12 7.62 3.50
C THR A 38 0.24 6.41 3.84
N PRO A 39 0.85 5.28 4.27
CA PRO A 39 0.07 4.12 4.67
C PRO A 39 -0.93 4.45 5.79
N SER A 40 -2.14 3.96 5.62
CA SER A 40 -3.17 4.15 6.62
C SER A 40 -2.98 3.08 7.72
N TYR A 41 -1.84 3.17 8.40
CA TYR A 41 -1.42 2.18 9.39
C TYR A 41 -1.09 2.88 10.70
N VAL A 42 -1.48 2.24 11.80
CA VAL A 42 -1.17 2.70 13.13
C VAL A 42 -0.62 1.52 13.92
N ALA A 43 0.50 1.73 14.62
CA ALA A 43 1.12 0.69 15.44
C ALA A 43 1.37 1.16 16.86
N PHE A 44 1.21 0.24 17.80
CA PHE A 44 1.40 0.50 19.22
C PHE A 44 2.53 -0.39 19.73
N THR A 45 3.47 0.22 20.45
CA THR A 45 4.66 -0.47 20.96
C THR A 45 4.76 -0.33 22.48
N ASP A 46 5.79 -0.94 23.06
CA ASP A 46 6.12 -0.80 24.48
C ASP A 46 6.39 0.67 24.86
N THR A 47 6.75 1.48 23.87
CA THR A 47 7.22 2.84 24.15
C THR A 47 6.47 3.95 23.40
N GLU A 48 5.82 3.61 22.30
CA GLU A 48 5.30 4.64 21.41
C GLU A 48 4.12 4.24 20.51
N ARG A 49 3.52 5.26 19.92
CA ARG A 49 2.54 5.09 18.85
C ARG A 49 3.19 5.50 17.51
N LEU A 50 3.24 4.56 16.57
CA LEU A 50 3.70 4.86 15.19
C LEU A 50 2.54 4.96 14.17
N ILE A 51 2.55 6.01 13.33
CA ILE A 51 1.57 6.19 12.24
C ILE A 51 2.25 6.31 10.84
N GLY A 52 1.66 5.69 9.81
CA GLY A 52 2.14 5.84 8.43
C GLY A 52 3.21 4.85 8.01
N ASP A 53 4.29 5.38 7.42
CA ASP A 53 5.41 4.57 6.93
C ASP A 53 6.11 3.83 8.06
N ALA A 54 6.34 4.51 9.18
CA ALA A 54 6.97 3.87 10.33
C ALA A 54 6.17 2.69 10.85
N ALA A 55 4.84 2.82 10.91
CA ALA A 55 3.96 1.71 11.28
C ALA A 55 4.01 0.56 10.25
N LYS A 56 3.86 0.87 8.97
CA LYS A 56 3.89 -0.18 7.96
C LYS A 56 5.20 -0.95 8.01
N ASN A 57 6.30 -0.21 8.21
CA ASN A 57 7.64 -0.80 8.17
C ASN A 57 7.94 -1.88 9.21
N GLN A 58 7.24 -1.83 10.36
CA GLN A 58 7.46 -2.77 11.46
C GLN A 58 6.31 -3.77 11.66
N VAL A 59 5.49 -3.95 10.63
CA VAL A 59 4.32 -4.83 10.74
C VAL A 59 4.75 -6.29 11.03
N ALA A 60 5.83 -6.73 10.40
CA ALA A 60 6.33 -8.10 10.60
C ALA A 60 6.87 -8.34 12.03
N MET A 61 7.41 -7.30 12.64
CA MET A 61 7.97 -7.41 13.98
C MET A 61 6.88 -7.31 15.06
N ASN A 62 5.69 -6.81 14.69
CA ASN A 62 4.63 -6.50 15.64
C ASN A 62 3.25 -6.50 14.98
N PRO A 63 2.81 -7.66 14.43
CA PRO A 63 1.58 -7.72 13.63
C PRO A 63 0.27 -7.48 14.41
N THR A 64 0.18 -8.02 15.63
CA THR A 64 -1.02 -7.92 16.47
C THR A 64 -1.25 -6.52 17.01
N ASN A 65 -0.20 -5.72 17.09
CA ASN A 65 -0.33 -4.34 17.58
C ASN A 65 -0.28 -3.29 16.45
N THR A 66 -0.29 -3.76 15.22
CA THR A 66 -0.27 -2.89 14.03
C THR A 66 -1.59 -2.95 13.25
N VAL A 67 -2.36 -1.86 13.32
CA VAL A 67 -3.71 -1.77 12.76
C VAL A 67 -3.75 -1.13 11.35
N PHE A 68 -4.45 -1.79 10.43
CA PHE A 68 -4.76 -1.27 9.10
C PHE A 68 -6.24 -1.56 8.72
N ASP A 69 -6.63 -1.25 7.48
CA ASP A 69 -7.98 -1.52 6.93
C ASP A 69 -9.15 -1.01 7.81
N ALA A 70 -8.89 -0.04 8.67
CA ALA A 70 -9.90 0.57 9.53
C ALA A 70 -11.12 1.15 8.77
N LYS A 71 -10.91 1.52 7.51
CA LYS A 71 -11.96 2.00 6.62
C LYS A 71 -12.96 0.89 6.26
N ARG A 72 -12.53 -0.37 6.34
CA ARG A 72 -13.42 -1.52 6.16
C ARG A 72 -14.32 -1.70 7.40
N LEU A 73 -13.92 -1.09 8.50
CA LEU A 73 -14.64 -1.17 9.76
C LEU A 73 -15.48 0.06 10.09
N ILE A 74 -15.00 1.24 9.65
CA ILE A 74 -15.51 2.53 10.13
C ILE A 74 -17.03 2.71 9.89
N GLY A 75 -17.77 3.10 10.93
CA GLY A 75 -19.22 3.29 10.86
C GLY A 75 -20.04 2.02 10.71
N ARG A 76 -19.41 0.86 10.86
CA ARG A 76 -20.09 -0.42 10.71
C ARG A 76 -20.47 -1.05 12.05
N ARG A 77 -21.50 -1.90 12.01
CA ARG A 77 -21.86 -2.75 13.13
C ARG A 77 -20.96 -3.98 13.13
N PHE A 78 -20.70 -4.53 14.32
CA PHE A 78 -19.86 -5.70 14.46
C PHE A 78 -20.34 -6.85 13.60
N ASP A 79 -21.66 -7.04 13.53
CA ASP A 79 -22.22 -8.15 12.76
C ASP A 79 -22.44 -7.83 11.28
N ASP A 80 -21.93 -6.68 10.81
CA ASP A 80 -21.91 -6.35 9.39
C ASP A 80 -21.18 -7.48 8.65
N ALA A 81 -21.75 -7.93 7.54
CA ALA A 81 -21.18 -9.00 6.72
C ALA A 81 -19.70 -8.73 6.40
N VAL A 82 -19.39 -7.47 6.10
CA VAL A 82 -18.04 -7.00 5.81
C VAL A 82 -17.09 -7.09 7.02
N VAL A 83 -17.55 -6.67 8.20
CA VAL A 83 -16.75 -6.72 9.43
C VAL A 83 -16.40 -8.17 9.76
N GLN A 84 -17.38 -9.05 9.62
CA GLN A 84 -17.18 -10.47 9.89
C GLN A 84 -16.18 -11.13 8.94
N SER A 85 -16.28 -10.80 7.66
CA SER A 85 -15.46 -11.46 6.62
C SER A 85 -13.97 -11.10 6.65
N ASP A 86 -13.66 -9.81 6.72
CA ASP A 86 -12.27 -9.31 6.71
C ASP A 86 -11.56 -9.59 8.04
N MET A 87 -12.37 -9.78 9.08
CA MET A 87 -11.91 -10.10 10.43
C MET A 87 -11.06 -11.37 10.44
N LYS A 88 -11.39 -12.29 9.53
CA LYS A 88 -10.71 -13.58 9.43
C LYS A 88 -9.22 -13.43 9.11
N HIS A 89 -8.87 -12.39 8.34
CA HIS A 89 -7.46 -12.14 8.00
C HIS A 89 -6.88 -10.80 8.48
N TRP A 90 -7.10 -10.52 9.77
CA TRP A 90 -6.51 -9.38 10.45
C TRP A 90 -5.84 -9.89 11.73
N PRO A 91 -4.50 -9.75 11.82
CA PRO A 91 -3.75 -10.21 12.98
C PRO A 91 -4.06 -9.44 14.26
N PHE A 92 -4.65 -8.25 14.10
CA PHE A 92 -5.07 -7.46 15.26
C PHE A 92 -6.44 -7.94 15.79
N MET A 93 -6.68 -7.73 17.07
CA MET A 93 -7.95 -8.14 17.68
C MET A 93 -9.04 -7.09 17.48
N VAL A 94 -10.22 -7.58 17.09
CA VAL A 94 -11.45 -6.77 17.00
C VAL A 94 -12.48 -7.33 18.01
N VAL A 95 -12.72 -6.54 19.05
CA VAL A 95 -13.66 -6.86 20.12
C VAL A 95 -15.03 -6.25 19.81
N ASN A 96 -16.07 -6.80 20.40
CA ASN A 96 -17.44 -6.33 20.24
C ASN A 96 -17.83 -5.52 21.48
N ASP A 97 -18.04 -4.23 21.30
CA ASP A 97 -18.53 -3.38 22.37
C ASP A 97 -19.98 -2.99 22.06
N ALA A 98 -20.91 -3.70 22.71
CA ALA A 98 -22.34 -3.50 22.51
C ALA A 98 -22.77 -3.35 21.04
N GLY A 99 -22.32 -4.27 20.18
CA GLY A 99 -22.74 -4.30 18.77
C GLY A 99 -21.87 -3.57 17.74
N ARG A 100 -20.93 -2.75 18.22
CA ARG A 100 -20.01 -2.03 17.34
C ARG A 100 -18.55 -2.34 17.67
N PRO A 101 -17.69 -2.55 16.64
CA PRO A 101 -16.30 -2.96 16.85
C PRO A 101 -15.40 -1.93 17.55
N LYS A 102 -14.51 -2.43 18.40
CA LYS A 102 -13.33 -1.71 18.82
C LYS A 102 -12.14 -2.59 18.46
N VAL A 103 -11.02 -1.96 18.10
CA VAL A 103 -9.75 -2.70 18.00
C VAL A 103 -9.09 -2.71 19.37
N GLN A 104 -8.60 -3.88 19.80
CA GLN A 104 -7.83 -3.97 21.04
C GLN A 104 -6.36 -4.25 20.76
N VAL A 105 -5.49 -3.49 21.42
CA VAL A 105 -4.05 -3.67 21.27
C VAL A 105 -3.34 -3.59 22.62
N GLU A 106 -2.05 -3.95 22.60
CA GLU A 106 -1.14 -3.73 23.71
C GLU A 106 -0.30 -2.49 23.44
N TYR A 107 -0.36 -1.52 24.36
CA TYR A 107 0.28 -0.22 24.17
C TYR A 107 0.95 0.29 25.46
N LYS A 108 2.26 0.52 25.39
CA LYS A 108 3.12 0.73 26.56
C LYS A 108 2.98 -0.38 27.62
N GLY A 109 2.75 -1.62 27.13
CA GLY A 109 2.50 -2.77 27.99
C GLY A 109 1.07 -2.87 28.53
N GLU A 110 0.30 -1.81 28.36
CA GLU A 110 -1.06 -1.71 28.92
C GLU A 110 -2.10 -1.94 27.82
N THR A 111 -3.05 -2.84 28.08
CA THR A 111 -4.03 -3.23 27.04
C THR A 111 -5.09 -2.14 26.80
N LYS A 112 -5.16 -1.70 25.54
CA LYS A 112 -5.99 -0.56 25.16
C LYS A 112 -6.97 -0.87 24.05
N SER A 113 -8.10 -0.16 24.04
CA SER A 113 -9.17 -0.39 23.05
C SER A 113 -9.52 0.88 22.27
N PHE A 114 -9.82 0.73 20.97
CA PHE A 114 -10.11 1.87 20.10
C PHE A 114 -11.26 1.65 19.12
N TYR A 115 -12.17 2.62 19.06
CA TYR A 115 -13.17 2.66 18.00
C TYR A 115 -12.47 2.90 16.65
N PRO A 116 -13.03 2.36 15.53
CA PRO A 116 -12.43 2.54 14.20
C PRO A 116 -12.12 3.98 13.81
N GLU A 117 -12.97 4.91 14.27
CA GLU A 117 -12.79 6.34 14.02
C GLU A 117 -11.71 6.97 14.88
N GLU A 118 -11.37 6.34 16.00
CA GLU A 118 -10.25 6.79 16.81
C GLU A 118 -8.93 6.48 16.07
N VAL A 119 -8.86 5.30 15.47
CA VAL A 119 -7.74 4.89 14.63
C VAL A 119 -7.64 5.74 13.36
N SER A 120 -8.80 6.00 12.76
CA SER A 120 -8.83 6.83 11.57
C SER A 120 -8.48 8.26 11.91
N SER A 121 -8.84 8.70 13.12
CA SER A 121 -8.47 10.03 13.59
C SER A 121 -6.94 10.17 13.76
N MET A 122 -6.29 9.08 14.10
CA MET A 122 -4.82 9.03 14.22
C MET A 122 -4.16 9.17 12.86
N VAL A 123 -4.69 8.45 11.87
CA VAL A 123 -4.24 8.60 10.47
C VAL A 123 -4.49 10.05 9.99
N LEU A 124 -5.67 10.61 10.31
CA LEU A 124 -5.99 11.98 9.90
C LEU A 124 -5.08 12.99 10.61
N THR A 125 -4.78 12.73 11.88
CA THR A 125 -3.77 13.52 12.60
C THR A 125 -2.42 13.52 11.88
N LYS A 126 -1.99 12.36 11.41
CA LYS A 126 -0.75 12.25 10.63
C LYS A 126 -0.79 13.12 9.37
N MET A 127 -1.88 13.01 8.60
CA MET A 127 -2.04 13.79 7.36
C MET A 127 -2.09 15.28 7.67
N LYS A 128 -2.71 15.66 8.80
CA LYS A 128 -2.75 17.05 9.26
C LYS A 128 -1.35 17.59 9.58
N GLU A 129 -0.58 16.77 10.30
CA GLU A 129 0.82 17.10 10.65
C GLU A 129 1.72 17.15 9.42
N ILE A 130 1.50 16.22 8.50
CA ILE A 130 2.17 16.23 7.20
C ILE A 130 1.96 17.56 6.46
N ALA A 131 0.72 18.07 6.50
CA ALA A 131 0.41 19.34 5.87
C ALA A 131 1.08 20.51 6.60
N GLU A 132 0.98 20.52 7.93
CA GLU A 132 1.60 21.58 8.75
C GLU A 132 3.14 21.64 8.62
N ALA A 133 3.79 20.49 8.48
CA ALA A 133 5.25 20.40 8.29
C ALA A 133 5.70 21.04 6.98
N TYR A 134 4.95 20.82 5.89
CA TYR A 134 5.21 21.42 4.58
C TYR A 134 4.95 22.94 4.53
N LEU A 135 3.84 23.35 5.14
CA LEU A 135 3.35 24.73 5.01
C LEU A 135 3.96 25.69 6.03
N GLY A 136 4.34 25.16 7.18
CA GLY A 136 4.88 25.96 8.27
C GLY A 136 3.77 26.74 8.94
N LYS A 137 2.53 26.29 8.74
CA LYS A 137 1.32 26.94 9.26
C LYS A 137 0.45 25.93 9.99
N THR A 138 -0.44 26.46 10.84
CA THR A 138 -1.53 25.66 11.40
C THR A 138 -2.48 25.27 10.26
N VAL A 139 -2.91 24.02 10.28
CA VAL A 139 -3.91 23.52 9.34
C VAL A 139 -5.10 22.97 10.12
N THR A 140 -6.26 23.57 9.93
CA THR A 140 -7.48 23.09 10.61
C THR A 140 -8.59 22.70 9.61
N ASN A 141 -8.81 23.53 8.58
CA ASN A 141 -9.88 23.29 7.60
C ASN A 141 -9.51 22.15 6.67
N ALA A 142 -10.41 21.18 6.55
CA ALA A 142 -10.17 20.07 5.62
C ALA A 142 -11.45 19.60 4.92
N VAL A 143 -11.29 19.15 3.67
CA VAL A 143 -12.27 18.28 3.02
C VAL A 143 -11.71 16.86 3.15
N VAL A 144 -12.56 15.94 3.60
CA VAL A 144 -12.20 14.53 3.68
C VAL A 144 -13.14 13.79 2.74
N THR A 145 -12.60 12.88 1.93
CA THR A 145 -13.42 12.10 1.01
C THR A 145 -13.76 10.72 1.58
N VAL A 146 -14.83 10.12 1.03
CA VAL A 146 -15.34 8.79 1.37
C VAL A 146 -15.82 8.07 0.09
N PRO A 147 -15.90 6.73 0.09
CA PRO A 147 -16.55 6.05 -1.03
C PRO A 147 -18.01 6.48 -1.26
N ALA A 148 -18.47 6.45 -2.51
CA ALA A 148 -19.86 6.84 -2.83
C ALA A 148 -20.91 5.92 -2.19
N TYR A 149 -20.54 4.66 -1.97
CA TYR A 149 -21.41 3.70 -1.30
C TYR A 149 -21.51 3.82 0.25
N PHE A 150 -20.71 4.68 0.88
CA PHE A 150 -20.76 4.89 2.34
C PHE A 150 -22.16 5.38 2.77
N ASN A 151 -22.71 4.78 3.83
CA ASN A 151 -24.03 5.17 4.39
C ASN A 151 -23.89 6.36 5.34
N ASP A 152 -24.98 6.78 5.98
CA ASP A 152 -24.95 7.90 6.94
C ASP A 152 -23.95 7.65 8.07
N SER A 153 -24.01 6.45 8.62
CA SER A 153 -23.19 6.04 9.75
C SER A 153 -21.70 6.06 9.37
N GLN A 154 -21.36 5.47 8.22
CA GLN A 154 -19.99 5.53 7.70
C GLN A 154 -19.47 6.96 7.43
N ARG A 155 -20.33 7.81 6.88
CA ARG A 155 -19.97 9.23 6.65
C ARG A 155 -19.78 10.00 7.94
N GLN A 156 -20.66 9.76 8.92
CA GLN A 156 -20.61 10.47 10.19
C GLN A 156 -19.41 10.06 11.06
N ALA A 157 -19.09 8.77 11.08
CA ALA A 157 -17.90 8.29 11.76
C ALA A 157 -16.59 8.82 11.13
N THR A 158 -16.59 9.00 9.81
CA THR A 158 -15.45 9.61 9.10
C THR A 158 -15.30 11.08 9.49
N LYS A 159 -16.41 11.84 9.45
CA LYS A 159 -16.41 13.24 9.89
C LYS A 159 -15.93 13.38 11.33
N ASP A 160 -16.46 12.54 12.22
CA ASP A 160 -16.02 12.43 13.61
C ASP A 160 -14.51 12.17 13.76
N ALA A 161 -13.99 11.16 13.06
CA ALA A 161 -12.55 10.90 13.03
C ALA A 161 -11.76 12.18 12.77
N GLY A 162 -12.28 13.05 11.89
CA GLY A 162 -11.62 14.33 11.59
C GLY A 162 -11.69 15.32 12.75
N THR A 163 -12.87 15.46 13.32
CA THR A 163 -13.10 16.36 14.45
C THR A 163 -12.17 15.98 15.63
N ILE A 164 -12.10 14.70 15.95
CA ILE A 164 -11.17 14.21 16.97
C ILE A 164 -9.71 14.60 16.65
N ALA A 165 -9.34 14.46 15.38
CA ALA A 165 -8.02 14.87 14.88
C ALA A 165 -7.77 16.39 14.94
N GLY A 166 -8.79 17.13 15.39
CA GLY A 166 -8.72 18.59 15.44
C GLY A 166 -8.94 19.27 14.10
N LEU A 167 -9.53 18.56 13.13
CA LEU A 167 -9.87 19.18 11.86
C LEU A 167 -11.27 19.80 11.87
N ASN A 168 -11.39 20.94 11.20
CA ASN A 168 -12.69 21.49 10.84
C ASN A 168 -13.07 20.93 9.47
N VAL A 169 -13.86 19.87 9.47
CA VAL A 169 -14.24 19.19 8.23
C VAL A 169 -15.27 20.05 7.49
N LEU A 170 -14.83 20.77 6.46
CA LEU A 170 -15.70 21.65 5.69
C LEU A 170 -16.81 20.89 4.99
N ARG A 171 -16.44 19.73 4.45
CA ARG A 171 -17.37 18.85 3.74
C ARG A 171 -16.82 17.44 3.70
N ILE A 172 -17.71 16.46 3.71
CA ILE A 172 -17.41 15.08 3.31
C ILE A 172 -17.83 14.96 1.85
N ILE A 173 -16.86 14.68 0.97
CA ILE A 173 -17.14 14.59 -0.46
C ILE A 173 -16.89 13.16 -0.95
N ASN A 174 -17.75 12.65 -1.83
CA ASN A 174 -17.52 11.32 -2.44
C ASN A 174 -16.23 11.29 -3.25
N GLU A 175 -15.48 10.20 -3.14
CA GLU A 175 -14.19 10.04 -3.84
C GLU A 175 -14.27 10.22 -5.38
N PRO A 176 -15.30 9.63 -6.02
CA PRO A 176 -15.47 9.83 -7.47
C PRO A 176 -15.85 11.27 -7.86
N THR A 177 -16.58 11.98 -6.98
CA THR A 177 -16.89 13.41 -7.21
C THR A 177 -15.61 14.23 -7.16
N ALA A 178 -14.80 14.00 -6.12
CA ALA A 178 -13.50 14.65 -5.98
C ALA A 178 -12.62 14.38 -7.22
N ALA A 179 -12.58 13.14 -7.69
CA ALA A 179 -11.84 12.80 -8.94
C ALA A 179 -12.33 13.62 -10.15
N ALA A 180 -13.66 13.69 -10.31
CA ALA A 180 -14.32 14.52 -11.33
C ALA A 180 -13.93 16.00 -11.22
N ILE A 181 -13.99 16.53 -10.00
CA ILE A 181 -13.61 17.90 -9.70
C ILE A 181 -12.15 18.18 -10.07
N ALA A 182 -11.27 17.19 -9.84
CA ALA A 182 -9.84 17.34 -10.14
C ALA A 182 -9.60 17.66 -11.63
N TYR A 183 -10.35 16.97 -12.50
CA TYR A 183 -10.31 17.16 -13.93
C TYR A 183 -11.20 18.30 -14.43
N GLY A 184 -11.77 19.08 -13.51
CA GLY A 184 -12.64 20.22 -13.85
C GLY A 184 -13.84 19.80 -14.68
N LEU A 185 -14.36 18.60 -14.41
CA LEU A 185 -15.53 18.11 -15.13
C LEU A 185 -16.79 18.88 -14.73
N ASP A 186 -16.76 19.52 -13.56
CA ASP A 186 -17.87 20.34 -13.07
C ASP A 186 -17.92 21.76 -13.64
N LYS A 187 -16.93 22.12 -14.48
CA LYS A 187 -16.85 23.44 -15.10
C LYS A 187 -17.41 23.44 -16.54
N LYS A 188 -17.75 22.26 -17.05
CA LYS A 188 -18.43 22.12 -18.35
C LYS A 188 -19.88 22.65 -18.34
N VAL A 189 -20.37 23.06 -19.50
CA VAL A 189 -21.61 23.85 -19.56
C VAL A 189 -22.73 23.29 -20.46
N GLY A 190 -23.96 23.72 -20.20
CA GLY A 190 -25.11 23.30 -20.96
C GLY A 190 -25.66 21.97 -20.49
N ALA A 191 -25.61 20.99 -21.38
CA ALA A 191 -26.29 19.72 -21.20
C ALA A 191 -25.73 18.86 -20.06
N GLU A 192 -26.63 18.13 -19.40
CA GLU A 192 -26.29 17.12 -18.40
C GLU A 192 -25.32 16.04 -18.93
N ARG A 193 -24.23 15.79 -18.19
CA ARG A 193 -23.23 14.77 -18.55
C ARG A 193 -23.19 13.58 -17.61
N ASN A 194 -22.97 12.39 -18.17
CA ASN A 194 -22.80 11.17 -17.39
C ASN A 194 -21.29 10.80 -17.31
N VAL A 195 -20.80 10.61 -16.10
CA VAL A 195 -19.37 10.40 -15.88
C VAL A 195 -19.16 9.03 -15.23
N LEU A 196 -18.30 8.21 -15.82
CA LEU A 196 -17.92 6.95 -15.18
C LEU A 196 -16.53 7.07 -14.56
N ILE A 197 -16.44 6.73 -13.27
CA ILE A 197 -15.17 6.71 -12.56
C ILE A 197 -14.78 5.26 -12.33
N PHE A 198 -13.61 4.89 -12.84
CA PHE A 198 -13.10 3.52 -12.78
C PHE A 198 -11.95 3.53 -11.78
N ASP A 199 -12.17 2.93 -10.61
CA ASP A 199 -11.21 3.02 -9.48
C ASP A 199 -10.63 1.64 -9.14
N LEU A 200 -9.42 1.40 -9.61
CA LEU A 200 -8.79 0.12 -9.39
C LEU A 200 -7.48 0.33 -8.63
N GLY A 201 -7.46 -0.11 -7.37
CA GLY A 201 -6.26 0.06 -6.53
C GLY A 201 -5.49 -1.24 -6.33
N GLY A 202 -4.94 -1.43 -5.13
CA GLY A 202 -4.14 -2.62 -4.85
C GLY A 202 -4.99 -3.78 -4.41
N GLY A 203 -6.09 -3.46 -3.74
CA GLY A 203 -6.99 -4.47 -3.19
C GLY A 203 -8.39 -4.41 -3.75
N THR A 204 -8.87 -3.21 -4.06
CA THR A 204 -10.29 -3.01 -4.38
C THR A 204 -10.55 -2.38 -5.75
N PHE A 205 -11.72 -2.70 -6.30
CA PHE A 205 -12.18 -2.14 -7.56
C PHE A 205 -13.56 -1.48 -7.39
N ASP A 206 -13.62 -0.17 -7.61
CA ASP A 206 -14.85 0.59 -7.43
C ASP A 206 -15.26 1.31 -8.72
N VAL A 207 -16.48 1.07 -9.18
CA VAL A 207 -17.05 1.82 -10.31
C VAL A 207 -18.18 2.74 -9.82
N SER A 208 -18.20 3.98 -10.31
CA SER A 208 -19.27 4.94 -9.97
C SER A 208 -19.76 5.67 -11.23
N ILE A 209 -21.07 5.82 -11.37
CA ILE A 209 -21.60 6.74 -12.39
C ILE A 209 -22.26 7.92 -11.69
N LEU A 210 -21.87 9.11 -12.13
CA LEU A 210 -22.42 10.35 -11.64
C LEU A 210 -23.01 11.08 -12.82
N THR A 211 -23.97 11.95 -12.52
CA THR A 211 -24.41 12.96 -13.47
C THR A 211 -23.90 14.35 -13.01
N ILE A 212 -23.41 15.16 -13.95
CA ILE A 212 -23.10 16.56 -13.66
C ILE A 212 -23.87 17.49 -14.61
N GLU A 213 -24.47 18.52 -14.03
CA GLU A 213 -25.17 19.57 -14.78
C GLU A 213 -24.90 20.90 -14.10
N ASP A 214 -24.34 21.83 -14.87
CA ASP A 214 -24.05 23.17 -14.37
C ASP A 214 -23.26 23.10 -13.05
N GLY A 215 -22.35 22.14 -12.96
CA GLY A 215 -21.54 21.91 -11.77
C GLY A 215 -22.25 21.29 -10.57
N ILE A 216 -23.45 20.77 -10.76
CA ILE A 216 -24.19 20.09 -9.69
C ILE A 216 -24.10 18.58 -9.91
N PHE A 217 -23.65 17.87 -8.88
CA PHE A 217 -23.42 16.42 -8.96
C PHE A 217 -24.58 15.58 -8.42
N GLU A 218 -24.77 14.40 -9.02
CA GLU A 218 -25.60 13.35 -8.43
C GLU A 218 -24.98 11.99 -8.68
N VAL A 219 -24.95 11.13 -7.67
CA VAL A 219 -24.56 9.71 -7.84
C VAL A 219 -25.74 8.92 -8.42
N LYS A 220 -25.50 8.23 -9.53
CA LYS A 220 -26.49 7.43 -10.25
C LYS A 220 -26.42 5.96 -9.90
N SER A 221 -25.20 5.43 -9.79
CA SER A 221 -24.98 4.03 -9.46
C SER A 221 -23.55 3.80 -8.96
N THR A 222 -23.37 2.75 -8.17
CA THR A 222 -22.04 2.22 -7.82
C THR A 222 -21.99 0.69 -7.99
N ALA A 223 -20.83 0.21 -8.42
CA ALA A 223 -20.56 -1.22 -8.55
C ALA A 223 -19.10 -1.50 -8.21
N GLY A 224 -18.74 -2.78 -8.13
CA GLY A 224 -17.33 -3.17 -8.02
C GLY A 224 -17.09 -4.61 -7.64
N ASP A 225 -15.91 -4.81 -7.08
CA ASP A 225 -15.42 -6.11 -6.66
C ASP A 225 -14.51 -5.70 -5.53
N THR A 226 -14.88 -6.03 -4.29
CA THR A 226 -14.16 -5.50 -3.13
C THR A 226 -12.82 -6.18 -2.90
N HIS A 227 -12.61 -7.29 -3.61
CA HIS A 227 -11.34 -7.99 -3.66
C HIS A 227 -10.85 -8.32 -5.11
N LEU A 228 -10.59 -7.25 -5.85
CA LEU A 228 -9.87 -7.31 -7.11
C LEU A 228 -9.00 -6.08 -7.20
N GLY A 229 -7.70 -6.29 -7.32
CA GLY A 229 -6.73 -5.21 -7.36
C GLY A 229 -5.38 -5.69 -7.83
N GLY A 230 -4.41 -4.79 -7.84
CA GLY A 230 -3.05 -5.08 -8.33
C GLY A 230 -2.37 -6.23 -7.60
N GLU A 231 -2.80 -6.47 -6.37
CA GLU A 231 -2.37 -7.61 -5.58
C GLU A 231 -2.70 -8.96 -6.25
N ASP A 232 -3.86 -9.03 -6.90
CA ASP A 232 -4.25 -10.22 -7.66
C ASP A 232 -3.36 -10.42 -8.87
N PHE A 233 -2.92 -9.32 -9.46
CA PHE A 233 -2.14 -9.39 -10.69
C PHE A 233 -0.74 -9.90 -10.36
N ASP A 234 -0.25 -9.51 -9.18
CA ASP A 234 1.05 -9.93 -8.63
C ASP A 234 1.07 -11.42 -8.36
N ASN A 235 -0.05 -11.95 -7.83
CA ASN A 235 -0.25 -13.39 -7.59
C ASN A 235 -0.07 -14.24 -8.84
N ARG A 236 -0.67 -13.79 -9.95
CA ARG A 236 -0.54 -14.47 -11.25
C ARG A 236 0.92 -14.44 -11.75
N MET A 237 1.65 -13.38 -11.43
CA MET A 237 3.06 -13.32 -11.88
C MET A 237 3.91 -14.29 -11.05
N VAL A 238 3.64 -14.31 -9.75
CA VAL A 238 4.32 -15.18 -8.80
C VAL A 238 4.09 -16.67 -9.17
N ASN A 239 2.86 -17.01 -9.54
CA ASN A 239 2.50 -18.40 -9.87
C ASN A 239 3.25 -18.81 -11.12
N HIS A 240 3.30 -17.89 -12.08
CA HIS A 240 4.00 -18.06 -13.35
C HIS A 240 5.50 -18.36 -13.14
N PHE A 241 6.13 -17.59 -12.23
CA PHE A 241 7.56 -17.74 -11.97
C PHE A 241 7.89 -18.95 -11.08
N ILE A 242 7.03 -19.27 -10.12
CA ILE A 242 7.18 -20.52 -9.34
C ILE A 242 7.16 -21.76 -10.27
N ALA A 243 6.25 -21.78 -11.23
CA ALA A 243 6.17 -22.88 -12.21
C ALA A 243 7.43 -22.92 -13.06
N GLU A 244 7.93 -21.75 -13.44
CA GLU A 244 9.15 -21.62 -14.25
C GLU A 244 10.38 -22.14 -13.51
N PHE A 245 10.48 -21.78 -12.23
CA PHE A 245 11.56 -22.28 -11.39
C PHE A 245 11.51 -23.82 -11.26
N LYS A 246 10.31 -24.35 -11.01
CA LYS A 246 10.03 -25.80 -11.03
C LYS A 246 10.48 -26.47 -12.35
N ARG A 247 10.10 -25.85 -13.47
CA ARG A 247 10.46 -26.34 -14.81
C ARG A 247 11.96 -26.41 -15.07
N LYS A 248 12.70 -25.36 -14.66
CA LYS A 248 14.13 -25.25 -14.99
C LYS A 248 15.06 -25.86 -13.95
N HIS A 249 14.59 -25.95 -12.69
CA HIS A 249 15.42 -26.44 -11.57
C HIS A 249 14.85 -27.64 -10.81
N LYS A 250 13.62 -28.05 -11.14
CA LYS A 250 12.95 -29.18 -10.44
C LYS A 250 12.97 -28.95 -8.94
N LYS A 251 12.64 -27.72 -8.57
CA LYS A 251 12.67 -27.27 -7.20
C LYS A 251 11.41 -26.43 -6.94
N ASP A 252 10.80 -26.65 -5.78
CA ASP A 252 9.58 -25.96 -5.39
C ASP A 252 9.94 -24.93 -4.30
N ILE A 253 9.92 -23.65 -4.65
CA ILE A 253 10.32 -22.59 -3.72
C ILE A 253 9.21 -22.14 -2.78
N SER A 254 7.99 -22.60 -3.05
CA SER A 254 6.77 -22.02 -2.46
C SER A 254 6.58 -22.16 -0.93
N GLU A 255 7.31 -23.06 -0.28
CA GLU A 255 7.24 -23.18 1.18
C GLU A 255 8.35 -22.39 1.89
N ASN A 256 9.20 -21.75 1.10
CA ASN A 256 10.17 -20.83 1.64
C ASN A 256 9.61 -19.40 1.57
N LYS A 257 9.18 -18.91 2.73
CA LYS A 257 8.48 -17.64 2.83
C LYS A 257 9.34 -16.48 2.34
N ARG A 258 10.64 -16.54 2.61
CA ARG A 258 11.55 -15.45 2.24
C ARG A 258 11.83 -15.42 0.73
N ALA A 259 11.96 -16.59 0.13
CA ALA A 259 12.09 -16.73 -1.34
C ALA A 259 10.85 -16.19 -2.04
N VAL A 260 9.68 -16.63 -1.59
CA VAL A 260 8.43 -16.17 -2.16
C VAL A 260 8.26 -14.66 -2.00
N ARG A 261 8.55 -14.12 -0.81
CA ARG A 261 8.55 -12.65 -0.63
C ARG A 261 9.48 -11.92 -1.61
N ARG A 262 10.73 -12.38 -1.71
CA ARG A 262 11.66 -11.79 -2.70
C ARG A 262 11.09 -11.77 -4.11
N LEU A 263 10.56 -12.92 -4.53
CA LEU A 263 9.93 -13.05 -5.85
C LEU A 263 8.74 -12.08 -5.99
N ARG A 264 7.87 -12.07 -4.99
CA ARG A 264 6.66 -11.25 -5.06
C ARG A 264 6.96 -9.74 -5.18
N THR A 265 7.93 -9.29 -4.40
CA THR A 265 8.36 -7.87 -4.37
C THR A 265 8.92 -7.50 -5.72
N ALA A 266 9.71 -8.43 -6.27
CA ALA A 266 10.33 -8.31 -7.57
C ALA A 266 9.25 -8.30 -8.64
N CYS A 267 8.26 -9.18 -8.50
CA CYS A 267 7.09 -9.22 -9.43
C CYS A 267 6.28 -7.93 -9.48
N GLU A 268 5.92 -7.35 -8.33
CA GLU A 268 5.11 -6.13 -8.39
C GLU A 268 5.89 -4.95 -8.97
N ARG A 269 7.19 -4.94 -8.73
CA ARG A 269 8.08 -3.93 -9.31
C ARG A 269 8.14 -4.08 -10.83
N ALA A 270 8.33 -5.32 -11.32
CA ALA A 270 8.33 -5.62 -12.75
C ALA A 270 7.01 -5.18 -13.41
N LYS A 271 5.88 -5.51 -12.77
CA LYS A 271 4.56 -5.05 -13.19
C LYS A 271 4.51 -3.54 -13.46
N ARG A 272 5.07 -2.75 -12.55
CA ARG A 272 5.08 -1.30 -12.72
C ARG A 272 5.89 -0.87 -13.96
N THR A 273 7.08 -1.47 -14.13
CA THR A 273 7.88 -1.31 -15.35
C THR A 273 7.10 -1.66 -16.62
N LEU A 274 6.32 -2.74 -16.58
CA LEU A 274 5.52 -3.16 -17.72
C LEU A 274 4.42 -2.17 -18.12
N SER A 275 4.16 -1.18 -17.28
CA SER A 275 3.19 -0.13 -17.63
C SER A 275 3.81 0.95 -18.52
N SER A 276 5.15 1.04 -18.55
CA SER A 276 5.83 2.00 -19.44
C SER A 276 6.88 1.41 -20.41
N SER A 277 7.24 0.13 -20.23
CA SER A 277 8.03 -0.61 -21.24
C SER A 277 7.42 -1.97 -21.47
N THR A 278 7.90 -2.66 -22.50
CA THR A 278 7.23 -3.84 -23.05
C THR A 278 7.87 -5.15 -22.57
N GLN A 279 8.92 -5.03 -21.76
CA GLN A 279 9.55 -6.16 -21.10
C GLN A 279 10.18 -5.68 -19.80
N ALA A 280 10.36 -6.61 -18.87
CA ALA A 280 10.98 -6.32 -17.56
C ALA A 280 11.88 -7.50 -17.24
N SER A 281 13.06 -7.20 -16.70
CA SER A 281 14.05 -8.21 -16.30
C SER A 281 14.19 -8.32 -14.79
N ILE A 282 14.39 -9.53 -14.31
CA ILE A 282 14.56 -9.79 -12.88
C ILE A 282 15.78 -10.67 -12.64
N GLU A 283 16.66 -10.22 -11.74
CA GLU A 283 17.75 -11.05 -11.22
C GLU A 283 17.65 -11.14 -9.72
N ILE A 284 17.36 -12.34 -9.24
CA ILE A 284 17.40 -12.62 -7.81
C ILE A 284 18.50 -13.67 -7.57
N ASP A 285 19.60 -13.24 -6.96
CA ASP A 285 20.70 -14.16 -6.64
C ASP A 285 20.28 -15.08 -5.50
N SER A 286 20.65 -16.36 -5.62
CA SER A 286 20.49 -17.31 -4.52
C SER A 286 19.06 -17.26 -3.98
N LEU A 287 18.09 -17.50 -4.87
CA LEU A 287 16.69 -17.41 -4.47
C LEU A 287 16.25 -18.60 -3.58
N TYR A 288 16.66 -19.81 -4.00
CA TYR A 288 16.28 -21.05 -3.30
C TYR A 288 17.38 -22.08 -3.46
N GLU A 289 17.79 -22.67 -2.34
CA GLU A 289 18.93 -23.61 -2.27
C GLU A 289 20.18 -23.16 -3.03
N GLY A 290 20.44 -21.86 -2.96
CA GLY A 290 21.61 -21.26 -3.59
C GLY A 290 21.47 -21.07 -5.08
N ILE A 291 20.29 -21.34 -5.62
CA ILE A 291 20.10 -21.26 -7.06
C ILE A 291 19.63 -19.86 -7.43
N ASP A 292 20.37 -19.20 -8.35
CA ASP A 292 19.98 -17.88 -8.85
C ASP A 292 18.75 -17.96 -9.75
N PHE A 293 17.91 -16.93 -9.70
CA PHE A 293 16.75 -16.88 -10.56
C PHE A 293 16.82 -15.63 -11.40
N TYR A 294 17.30 -15.80 -12.63
CA TYR A 294 17.32 -14.69 -13.61
C TYR A 294 16.28 -14.98 -14.67
N THR A 295 15.40 -14.02 -14.90
CA THR A 295 14.29 -14.24 -15.80
C THR A 295 13.82 -12.92 -16.36
N SER A 296 12.90 -12.99 -17.32
CA SER A 296 12.27 -11.80 -17.90
C SER A 296 10.80 -12.08 -18.20
N ILE A 297 10.03 -11.02 -18.38
CA ILE A 297 8.60 -11.15 -18.71
C ILE A 297 8.18 -10.00 -19.63
N THR A 298 7.56 -10.34 -20.75
CA THR A 298 7.06 -9.31 -21.65
C THR A 298 5.75 -8.72 -21.14
N ARG A 299 5.44 -7.50 -21.57
CA ARG A 299 4.12 -6.95 -21.34
C ARG A 299 3.02 -7.93 -21.80
N ALA A 300 3.16 -8.50 -22.99
CA ALA A 300 2.17 -9.45 -23.52
C ALA A 300 1.95 -10.67 -22.64
N ARG A 301 3.03 -11.27 -22.13
CA ARG A 301 2.88 -12.43 -21.22
C ARG A 301 2.18 -12.01 -19.92
N PHE A 302 2.51 -10.83 -19.41
CA PHE A 302 1.85 -10.28 -18.23
C PHE A 302 0.33 -10.17 -18.47
N GLU A 303 -0.03 -9.57 -19.60
CA GLU A 303 -1.41 -9.44 -20.05
C GLU A 303 -2.10 -10.79 -20.20
N GLU A 304 -1.40 -11.76 -20.79
CA GLU A 304 -1.91 -13.11 -20.94
C GLU A 304 -2.22 -13.76 -19.59
N LEU A 305 -1.28 -13.66 -18.65
CA LEU A 305 -1.47 -14.24 -17.30
C LEU A 305 -2.68 -13.67 -16.53
N ASN A 306 -3.04 -12.43 -16.86
CA ASN A 306 -4.13 -11.70 -16.21
C ASN A 306 -5.38 -11.51 -17.08
N ALA A 307 -5.43 -12.19 -18.23
CA ALA A 307 -6.48 -11.95 -19.24
C ALA A 307 -7.93 -11.93 -18.72
N ASP A 308 -8.31 -12.93 -17.94
CA ASP A 308 -9.64 -13.04 -17.36
C ASP A 308 -9.93 -11.92 -16.34
N LEU A 309 -8.99 -11.70 -15.42
CA LEU A 309 -9.06 -10.60 -14.45
C LEU A 309 -9.18 -9.22 -15.09
N PHE A 310 -8.41 -8.96 -16.15
CA PHE A 310 -8.49 -7.66 -16.81
C PHE A 310 -9.85 -7.46 -17.50
N ARG A 311 -10.30 -8.48 -18.25
CA ARG A 311 -11.58 -8.37 -18.99
C ARG A 311 -12.74 -8.28 -18.01
N GLY A 312 -12.60 -9.03 -16.92
CA GLY A 312 -13.55 -9.05 -15.82
C GLY A 312 -13.86 -7.72 -15.15
N THR A 313 -13.00 -6.73 -15.35
CA THR A 313 -13.23 -5.41 -14.74
C THR A 313 -14.42 -4.74 -15.43
N LEU A 314 -14.75 -5.24 -16.62
CA LEU A 314 -15.84 -4.68 -17.44
C LEU A 314 -17.22 -5.02 -16.92
N ASP A 315 -17.32 -6.08 -16.11
CA ASP A 315 -18.61 -6.52 -15.60
C ASP A 315 -19.27 -5.57 -14.59
N PRO A 316 -18.55 -5.16 -13.51
CA PRO A 316 -19.04 -4.04 -12.69
C PRO A 316 -19.39 -2.78 -13.49
N VAL A 317 -18.71 -2.56 -14.62
CA VAL A 317 -19.01 -1.40 -15.47
C VAL A 317 -20.40 -1.56 -16.12
N GLU A 318 -20.69 -2.77 -16.62
CA GLU A 318 -22.00 -3.09 -17.18
C GLU A 318 -23.08 -3.01 -16.11
N LYS A 319 -22.78 -3.50 -14.91
CA LYS A 319 -23.69 -3.39 -13.76
C LYS A 319 -24.04 -1.95 -13.41
N ALA A 320 -23.01 -1.13 -13.24
CA ALA A 320 -23.18 0.30 -13.00
C ALA A 320 -24.06 0.97 -14.07
N LEU A 321 -23.90 0.59 -15.34
CA LEU A 321 -24.68 1.16 -16.44
C LEU A 321 -26.12 0.71 -16.33
N ARG A 322 -26.33 -0.59 -16.16
CA ARG A 322 -27.66 -1.13 -15.91
C ARG A 322 -28.38 -0.35 -14.80
N ASP A 323 -27.78 -0.31 -13.61
CA ASP A 323 -28.39 0.32 -12.43
C ASP A 323 -28.62 1.82 -12.57
N ALA A 324 -27.81 2.47 -13.40
CA ALA A 324 -28.00 3.87 -13.74
C ALA A 324 -28.97 4.06 -14.92
N LYS A 325 -29.47 2.95 -15.47
CA LYS A 325 -30.35 2.97 -16.64
C LYS A 325 -29.75 3.80 -17.79
N LEU A 326 -28.45 3.61 -18.01
CA LEU A 326 -27.72 4.28 -19.07
C LEU A 326 -27.09 3.28 -20.02
N ASP A 327 -27.00 3.66 -21.29
CA ASP A 327 -26.30 2.88 -22.31
C ASP A 327 -24.86 3.38 -22.40
N LYS A 328 -23.93 2.49 -22.73
CA LYS A 328 -22.51 2.87 -22.72
C LYS A 328 -22.21 4.09 -23.61
N SER A 329 -23.11 4.33 -24.56
CA SER A 329 -23.01 5.48 -25.49
C SER A 329 -23.31 6.80 -24.79
N GLN A 330 -24.07 6.71 -23.71
CA GLN A 330 -24.49 7.88 -22.92
C GLN A 330 -23.46 8.32 -21.88
N ILE A 331 -22.26 7.73 -21.90
CA ILE A 331 -21.16 8.20 -21.06
C ILE A 331 -20.30 9.22 -21.79
N HIS A 332 -20.21 10.41 -21.20
CA HIS A 332 -19.50 11.54 -21.78
C HIS A 332 -18.04 11.60 -21.38
N ASP A 333 -17.75 11.21 -20.14
CA ASP A 333 -16.38 11.26 -19.60
C ASP A 333 -16.11 10.02 -18.76
N ILE A 334 -14.86 9.58 -18.80
CA ILE A 334 -14.37 8.43 -18.04
C ILE A 334 -13.14 8.90 -17.26
N VAL A 335 -13.10 8.61 -15.96
CA VAL A 335 -11.99 9.08 -15.12
C VAL A 335 -11.26 7.90 -14.49
N LEU A 336 -9.93 7.89 -14.58
CA LEU A 336 -9.12 6.80 -14.01
C LEU A 336 -8.58 7.14 -12.63
N VAL A 337 -8.92 6.28 -11.67
CA VAL A 337 -8.48 6.42 -10.28
C VAL A 337 -7.80 5.10 -9.85
N GLY A 338 -6.77 5.20 -9.01
CA GLY A 338 -6.10 4.02 -8.47
C GLY A 338 -4.85 3.65 -9.24
N GLY A 339 -3.85 3.14 -8.53
CA GLY A 339 -2.57 2.83 -9.17
C GLY A 339 -2.63 1.80 -10.30
N SER A 340 -3.54 0.83 -10.19
CA SER A 340 -3.64 -0.27 -11.17
C SER A 340 -4.18 0.18 -12.55
N THR A 341 -4.78 1.37 -12.61
CA THR A 341 -5.26 1.92 -13.90
C THR A 341 -4.11 2.43 -14.80
N ARG A 342 -2.87 2.33 -14.32
CA ARG A 342 -1.70 2.62 -15.16
C ARG A 342 -1.42 1.51 -16.17
N ILE A 343 -2.08 0.36 -16.00
CA ILE A 343 -1.87 -0.79 -16.89
C ILE A 343 -2.46 -0.44 -18.28
N PRO A 344 -1.62 -0.47 -19.34
CA PRO A 344 -2.13 -0.15 -20.69
C PRO A 344 -3.28 -1.04 -21.17
N LYS A 345 -3.21 -2.35 -20.92
CA LYS A 345 -4.29 -3.27 -21.33
C LYS A 345 -5.66 -2.94 -20.71
N ILE A 346 -5.65 -2.56 -19.43
CA ILE A 346 -6.86 -2.12 -18.72
C ILE A 346 -7.45 -0.86 -19.36
N GLN A 347 -6.58 0.09 -19.67
CA GLN A 347 -6.97 1.31 -20.38
C GLN A 347 -7.51 1.08 -21.80
N LYS A 348 -6.99 0.03 -22.45
CA LYS A 348 -7.36 -0.33 -23.82
C LYS A 348 -8.70 -1.05 -23.82
N LEU A 349 -8.92 -1.89 -22.82
CA LEU A 349 -10.20 -2.59 -22.67
C LEU A 349 -11.34 -1.61 -22.41
N LEU A 350 -11.04 -0.58 -21.63
CA LEU A 350 -12.02 0.45 -21.27
C LEU A 350 -12.19 1.45 -22.41
N GLN A 351 -11.07 1.85 -23.02
CA GLN A 351 -11.05 2.78 -24.15
C GLN A 351 -11.76 2.20 -25.38
N ASP A 352 -11.71 0.87 -25.53
CA ASP A 352 -12.36 0.14 -26.63
C ASP A 352 -13.83 -0.17 -26.36
N PHE A 353 -14.12 -0.68 -25.16
CA PHE A 353 -15.49 -0.93 -24.67
C PHE A 353 -16.40 0.27 -24.92
N PHE A 354 -15.90 1.46 -24.59
CA PHE A 354 -16.61 2.69 -24.92
C PHE A 354 -16.25 3.17 -26.33
N ASN A 355 -16.35 2.24 -27.29
CA ASN A 355 -16.18 2.52 -28.73
C ASN A 355 -15.00 3.38 -29.15
N GLY A 356 -14.00 3.48 -28.27
CA GLY A 356 -12.84 4.31 -28.53
C GLY A 356 -12.91 5.64 -27.81
N LYS A 357 -13.88 5.79 -26.91
CA LYS A 357 -13.98 7.01 -26.10
C LYS A 357 -12.68 7.23 -25.36
N GLU A 358 -12.25 8.50 -25.32
CA GLU A 358 -11.07 8.94 -24.57
C GLU A 358 -11.22 8.77 -23.04
N LEU A 359 -10.10 8.92 -22.32
CA LEU A 359 -10.05 8.74 -20.86
C LEU A 359 -9.32 9.89 -20.17
N ASN A 360 -9.91 10.39 -19.08
CA ASN A 360 -9.24 11.33 -18.19
C ASN A 360 -8.25 10.60 -17.29
N LYS A 361 -6.96 10.78 -17.55
CA LYS A 361 -5.91 10.00 -16.90
C LYS A 361 -4.64 10.79 -16.62
N SER A 362 -4.64 12.09 -16.99
CA SER A 362 -3.47 12.99 -16.85
C SER A 362 -3.00 13.23 -15.42
N ILE A 363 -3.95 13.28 -14.49
CA ILE A 363 -3.60 13.40 -13.08
C ILE A 363 -3.19 12.02 -12.56
N ASN A 364 -2.06 11.98 -11.87
CA ASN A 364 -1.58 10.82 -11.12
C ASN A 364 -2.79 10.14 -10.46
N PRO A 365 -3.13 8.92 -10.91
CA PRO A 365 -4.38 8.26 -10.46
C PRO A 365 -4.41 7.94 -8.96
N ASP A 366 -3.23 7.87 -8.33
CA ASP A 366 -3.07 7.68 -6.86
C ASP A 366 -3.42 8.96 -6.10
N GLU A 367 -3.34 10.10 -6.81
CA GLU A 367 -3.48 11.43 -6.20
C GLU A 367 -4.72 12.22 -6.63
N ALA A 368 -5.48 11.71 -7.60
CA ALA A 368 -6.61 12.47 -8.17
C ALA A 368 -7.73 12.79 -7.17
N VAL A 369 -7.98 11.91 -6.21
CA VAL A 369 -9.03 12.14 -5.21
C VAL A 369 -8.65 13.28 -4.24
N ALA A 370 -7.42 13.24 -3.72
CA ALA A 370 -6.87 14.30 -2.87
C ALA A 370 -6.77 15.63 -3.61
N TYR A 371 -6.39 15.58 -4.89
CA TYR A 371 -6.35 16.71 -5.80
C TYR A 371 -7.69 17.47 -5.84
N GLY A 372 -8.76 16.75 -6.14
CA GLY A 372 -10.09 17.32 -6.21
C GLY A 372 -10.56 17.82 -4.87
N ALA A 373 -10.29 17.04 -3.81
CA ALA A 373 -10.62 17.46 -2.44
C ALA A 373 -9.93 18.77 -2.05
N ALA A 374 -8.68 18.92 -2.49
CA ALA A 374 -7.89 20.13 -2.25
C ALA A 374 -8.44 21.34 -3.00
N VAL A 375 -8.85 21.13 -4.24
CA VAL A 375 -9.55 22.17 -5.06
C VAL A 375 -10.86 22.61 -4.37
N GLN A 376 -11.70 21.65 -4.01
CA GLN A 376 -12.94 21.92 -3.27
C GLN A 376 -12.73 22.56 -1.87
N ALA A 377 -11.69 22.12 -1.15
CA ALA A 377 -11.38 22.70 0.18
C ALA A 377 -11.06 24.19 0.16
N ALA A 378 -10.32 24.65 -0.88
CA ALA A 378 -9.93 26.05 -1.04
C ALA A 378 -11.11 26.93 -1.46
N ILE A 379 -11.98 26.35 -2.29
CA ILE A 379 -13.24 26.97 -2.66
C ILE A 379 -14.20 27.12 -1.47
N LEU A 380 -14.20 26.12 -0.58
CA LEU A 380 -15.11 26.10 0.57
C LEU A 380 -14.63 26.91 1.79
N SER A 381 -13.34 27.25 1.79
CA SER A 381 -12.67 27.86 2.94
C SER A 381 -12.85 29.37 3.01
N GLY B 1 36.14 -4.09 -21.46
CA GLY B 1 36.85 -4.09 -20.14
C GLY B 1 36.18 -3.24 -19.07
N ASN B 2 36.96 -2.85 -18.06
CA ASN B 2 36.49 -2.04 -16.91
C ASN B 2 35.83 -0.73 -17.36
N SER B 3 34.50 -0.61 -17.18
CA SER B 3 33.75 0.56 -17.66
C SER B 3 33.39 1.53 -16.53
N PRO B 4 33.23 2.84 -16.85
CA PRO B 4 32.72 3.81 -15.87
C PRO B 4 31.37 3.40 -15.26
N GLN B 5 30.50 2.81 -16.09
CA GLN B 5 29.14 2.36 -15.65
C GLN B 5 29.13 1.26 -14.60
N GLU B 6 30.15 0.39 -14.62
CA GLU B 6 30.25 -0.64 -13.58
C GLU B 6 30.56 -0.03 -12.22
N GLU B 7 31.35 1.04 -12.21
CA GLU B 7 31.62 1.79 -10.98
C GLU B 7 30.36 2.25 -10.26
N VAL B 8 29.33 2.61 -11.03
CA VAL B 8 28.02 3.01 -10.45
C VAL B 8 27.42 1.85 -9.65
N GLU B 9 27.49 0.65 -10.21
CA GLU B 9 26.94 -0.55 -9.57
C GLU B 9 27.75 -0.93 -8.36
N LEU B 10 29.08 -0.91 -8.49
CA LEU B 10 29.99 -1.26 -7.39
C LEU B 10 29.81 -0.33 -6.20
N LYS B 11 29.52 0.94 -6.49
CA LYS B 11 29.29 1.93 -5.42
C LYS B 11 27.98 1.65 -4.64
N LYS B 12 26.93 1.25 -5.38
CA LYS B 12 25.67 0.83 -4.77
C LYS B 12 25.88 -0.36 -3.85
N LEU B 13 26.60 -1.35 -4.36
CA LEU B 13 26.89 -2.55 -3.59
C LEU B 13 27.71 -2.26 -2.33
N LYS B 14 28.63 -1.30 -2.40
CA LYS B 14 29.48 -0.94 -1.25
C LYS B 14 28.65 -0.36 -0.12
N HIS B 15 27.71 0.50 -0.49
CA HIS B 15 26.75 1.07 0.44
C HIS B 15 25.87 -0.02 1.06
N LEU B 16 25.38 -0.94 0.23
CA LEU B 16 24.62 -2.08 0.73
C LEU B 16 25.46 -2.95 1.67
N GLU B 17 26.72 -3.17 1.31
CA GLU B 17 27.71 -3.88 2.17
C GLU B 17 27.83 -3.25 3.56
N LYS B 18 27.85 -1.92 3.64
CA LYS B 18 27.99 -1.23 4.93
C LYS B 18 26.69 -1.24 5.73
N SER B 19 25.55 -1.24 5.03
CA SER B 19 24.27 -1.42 5.72
C SER B 19 24.20 -2.79 6.39
N VAL B 20 24.57 -3.83 5.65
CA VAL B 20 24.61 -5.20 6.16
C VAL B 20 25.46 -5.30 7.45
N GLU B 21 26.65 -4.70 7.41
CA GLU B 21 27.56 -4.60 8.56
C GLU B 21 26.94 -4.00 9.82
N LYS B 22 26.13 -2.95 9.65
CA LYS B 22 25.38 -2.35 10.77
C LYS B 22 24.32 -3.30 11.35
N ILE B 23 23.58 -3.98 10.48
CA ILE B 23 22.61 -5.00 10.92
C ILE B 23 23.30 -6.18 11.59
N ALA B 24 24.41 -6.62 11.00
CA ALA B 24 25.22 -7.70 11.56
C ALA B 24 25.67 -7.37 12.99
N ASP B 25 25.98 -6.09 13.21
CA ASP B 25 26.41 -5.60 14.51
C ASP B 25 25.24 -5.68 15.50
N GLN B 26 24.05 -5.30 15.03
CA GLN B 26 22.83 -5.49 15.81
C GLN B 26 22.62 -6.96 16.19
N LEU B 27 22.93 -7.86 15.25
CA LEU B 27 22.85 -9.29 15.54
C LEU B 27 23.88 -9.73 16.60
N GLU B 28 25.09 -9.18 16.52
CA GLU B 28 26.15 -9.44 17.52
C GLU B 28 25.70 -9.05 18.92
N GLU B 29 25.15 -7.85 19.06
CA GLU B 29 24.64 -7.35 20.35
C GLU B 29 23.56 -8.25 20.95
N LEU B 30 22.67 -8.76 20.07
CA LEU B 30 21.60 -9.67 20.44
C LEU B 30 22.12 -10.96 21.09
N ASN B 31 23.14 -11.56 20.48
CA ASN B 31 23.75 -12.77 21.02
C ASN B 31 24.48 -12.51 22.35
N LYS B 32 25.15 -11.36 22.45
CA LYS B 32 25.85 -10.99 23.67
C LYS B 32 24.85 -10.84 24.83
N GLU B 33 23.75 -10.14 24.57
CA GLU B 33 22.72 -9.94 25.58
C GLU B 33 22.08 -11.24 26.01
N LEU B 34 21.74 -12.07 25.03
CA LEU B 34 21.14 -13.38 25.25
C LEU B 34 21.95 -14.23 26.23
N THR B 35 23.23 -14.44 25.89
CA THR B 35 24.18 -15.13 26.75
C THR B 35 24.16 -14.60 28.19
N GLY B 36 24.13 -13.27 28.34
CA GLY B 36 23.95 -12.63 29.66
C GLY B 36 22.62 -12.93 30.31
N ILE B 37 21.52 -12.68 29.58
CA ILE B 37 20.16 -12.94 30.08
C ILE B 37 19.97 -14.42 30.49
N GLN B 38 20.25 -15.33 29.55
CA GLN B 38 20.12 -16.76 29.79
C GLN B 38 21.18 -17.33 30.75
N GLN B 39 21.49 -16.56 31.78
CA GLN B 39 22.41 -16.98 32.84
C GLN B 39 21.97 -16.54 34.24
N GLY B 40 20.66 -16.28 34.35
CA GLY B 40 19.96 -16.29 35.63
C GLY B 40 20.03 -15.11 36.57
N PHE B 41 20.52 -13.96 36.10
CA PHE B 41 20.59 -12.77 36.96
C PHE B 41 19.24 -12.53 37.68
N LEU B 42 18.14 -12.57 36.91
CA LEU B 42 16.78 -12.29 37.41
C LEU B 42 15.80 -13.48 37.21
N PRO B 43 14.63 -13.46 37.90
CA PRO B 43 13.67 -14.60 37.92
C PRO B 43 13.05 -14.99 36.57
N LYS B 44 12.47 -16.20 36.51
CA LYS B 44 12.09 -16.84 35.25
C LYS B 44 11.01 -16.12 34.42
N ASP B 45 9.97 -15.60 35.08
CA ASP B 45 8.94 -14.78 34.40
C ASP B 45 9.56 -13.56 33.70
N LEU B 46 10.47 -12.88 34.39
CA LEU B 46 11.18 -11.70 33.88
C LEU B 46 12.27 -12.04 32.86
N GLN B 47 12.93 -13.18 33.04
CA GLN B 47 13.86 -13.70 32.04
C GLN B 47 13.11 -13.87 30.71
N ALA B 48 11.92 -14.47 30.78
CA ALA B 48 11.06 -14.66 29.62
C ALA B 48 10.68 -13.33 28.95
N GLU B 49 10.28 -12.37 29.77
CA GLU B 49 9.93 -11.03 29.34
C GLU B 49 11.09 -10.38 28.61
N ALA B 50 12.29 -10.46 29.20
CA ALA B 50 13.51 -9.96 28.59
C ALA B 50 13.81 -10.68 27.28
N LEU B 51 13.61 -12.01 27.28
CA LEU B 51 13.81 -12.85 26.08
C LEU B 51 12.81 -12.56 24.97
N CYS B 52 11.61 -12.12 25.34
CA CYS B 52 10.63 -11.70 24.32
C CYS B 52 10.97 -10.37 23.68
N LYS B 53 11.48 -9.42 24.48
CA LYS B 53 11.94 -8.14 23.94
C LYS B 53 13.06 -8.35 22.94
N LEU B 54 13.98 -9.26 23.31
CA LEU B 54 15.09 -9.70 22.49
C LEU B 54 14.64 -10.41 21.18
N ASP B 55 13.54 -11.16 21.27
CA ASP B 55 12.95 -11.86 20.13
C ASP B 55 12.40 -10.89 19.08
N ARG B 56 11.77 -9.84 19.57
CA ARG B 56 11.24 -8.74 18.75
C ARG B 56 12.36 -8.06 17.96
N ARG B 57 13.52 -7.92 18.61
CA ARG B 57 14.71 -7.29 18.01
C ARG B 57 15.44 -8.19 17.01
N VAL B 58 15.37 -9.51 17.22
CA VAL B 58 15.85 -10.47 16.22
C VAL B 58 14.93 -10.39 14.99
N LYS B 59 13.63 -10.26 15.22
CA LYS B 59 12.65 -10.09 14.15
C LYS B 59 12.83 -8.80 13.31
N ALA B 60 13.19 -7.71 13.98
CA ALA B 60 13.53 -6.47 13.31
C ALA B 60 14.82 -6.61 12.48
N THR B 61 15.77 -7.36 13.02
CA THR B 61 17.05 -7.64 12.34
C THR B 61 16.82 -8.49 11.08
N ILE B 62 16.02 -9.55 11.21
CA ILE B 62 15.60 -10.38 10.07
C ILE B 62 14.96 -9.49 9.00
N GLU B 63 14.02 -8.62 9.41
CA GLU B 63 13.36 -7.69 8.49
C GLU B 63 14.31 -6.72 7.76
N GLN B 64 15.25 -6.13 8.49
CA GLN B 64 16.26 -5.26 7.86
C GLN B 64 17.12 -5.99 6.84
N PHE B 65 17.52 -7.23 7.14
CA PHE B 65 18.21 -8.08 6.16
C PHE B 65 17.35 -8.36 4.90
N MET B 66 16.06 -8.67 5.10
CA MET B 66 15.12 -8.86 3.99
C MET B 66 14.97 -7.63 3.12
N LYS B 67 14.86 -6.46 3.74
CA LYS B 67 14.77 -5.23 2.96
C LYS B 67 16.03 -4.96 2.13
N ILE B 68 17.21 -5.32 2.66
CA ILE B 68 18.46 -5.21 1.91
C ILE B 68 18.42 -6.17 0.70
N LEU B 69 18.00 -7.41 0.95
CA LEU B 69 17.86 -8.39 -0.13
C LEU B 69 16.98 -7.84 -1.24
N GLU B 70 15.84 -7.26 -0.88
CA GLU B 70 14.91 -6.69 -1.86
C GLU B 70 15.52 -5.56 -2.66
N GLU B 71 16.35 -4.73 -2.01
CA GLU B 71 17.10 -3.70 -2.74
C GLU B 71 18.14 -4.27 -3.72
N ILE B 72 18.91 -5.26 -3.27
CA ILE B 72 19.87 -5.96 -4.15
C ILE B 72 19.15 -6.58 -5.34
N ASP B 73 17.94 -7.06 -5.10
CA ASP B 73 17.08 -7.71 -6.11
C ASP B 73 16.58 -6.80 -7.23
N THR B 74 16.77 -5.49 -7.09
CA THR B 74 16.46 -4.55 -8.15
C THR B 74 17.59 -4.40 -9.19
N LEU B 75 18.78 -4.95 -8.91
CA LEU B 75 19.94 -4.79 -9.80
C LEU B 75 19.87 -5.68 -11.04
N ILE B 76 20.34 -5.14 -12.17
CA ILE B 76 20.58 -5.93 -13.35
C ILE B 76 22.03 -5.71 -13.76
N LEU B 77 22.81 -6.80 -13.77
CA LEU B 77 24.24 -6.73 -14.07
C LEU B 77 24.60 -7.59 -15.27
N PRO B 78 25.07 -6.95 -16.38
CA PRO B 78 25.50 -7.72 -17.55
C PRO B 78 26.62 -8.71 -17.20
N GLU B 79 26.69 -9.82 -17.96
CA GLU B 79 27.71 -10.86 -17.75
C GLU B 79 29.13 -10.29 -17.58
N ASN B 80 29.43 -9.26 -18.37
CA ASN B 80 30.75 -8.66 -18.38
C ASN B 80 31.06 -7.82 -17.12
N PHE B 81 30.02 -7.52 -16.34
CA PHE B 81 30.19 -6.86 -15.04
C PHE B 81 30.52 -7.91 -14.00
N LYS B 82 31.69 -8.54 -14.18
CA LYS B 82 32.13 -9.68 -13.37
C LYS B 82 32.36 -9.32 -11.92
N ASP B 83 33.01 -8.17 -11.68
CA ASP B 83 33.29 -7.72 -10.31
C ASP B 83 32.01 -7.40 -9.55
N SER B 84 31.05 -6.78 -10.23
CA SER B 84 29.72 -6.47 -9.65
C SER B 84 28.94 -7.73 -9.32
N ARG B 85 28.92 -8.67 -10.27
CA ARG B 85 28.18 -9.92 -10.13
C ARG B 85 28.73 -10.72 -8.98
N LEU B 86 30.07 -10.75 -8.86
CA LEU B 86 30.71 -11.42 -7.74
C LEU B 86 30.42 -10.74 -6.40
N LYS B 87 30.40 -9.42 -6.38
CA LYS B 87 30.17 -8.68 -5.13
C LYS B 87 28.71 -8.84 -4.67
N ARG B 88 27.78 -8.78 -5.61
CA ARG B 88 26.35 -8.98 -5.33
C ARG B 88 26.11 -10.39 -4.81
N LYS B 89 26.67 -11.38 -5.51
CA LYS B 89 26.52 -12.78 -5.10
C LYS B 89 27.09 -13.02 -3.70
N GLY B 90 28.29 -12.49 -3.45
CA GLY B 90 28.92 -12.59 -2.13
C GLY B 90 28.08 -11.97 -1.02
N LEU B 91 27.52 -10.80 -1.31
CA LEU B 91 26.66 -10.11 -0.35
C LEU B 91 25.34 -10.84 -0.03
N VAL B 92 24.64 -11.34 -1.03
CA VAL B 92 23.41 -12.11 -0.80
C VAL B 92 23.67 -13.33 0.09
N LYS B 93 24.70 -14.09 -0.25
CA LYS B 93 25.09 -15.26 0.54
C LYS B 93 25.51 -14.89 1.95
N LYS B 94 26.15 -13.74 2.12
CA LYS B 94 26.52 -13.25 3.47
C LYS B 94 25.30 -13.00 4.33
N VAL B 95 24.36 -12.25 3.77
CA VAL B 95 23.08 -11.95 4.43
C VAL B 95 22.29 -13.23 4.75
N GLN B 96 22.27 -14.18 3.80
CA GLN B 96 21.59 -15.44 4.01
C GLN B 96 22.15 -16.26 5.19
N ALA B 97 23.48 -16.28 5.32
CA ALA B 97 24.13 -16.87 6.48
C ALA B 97 23.79 -16.11 7.78
N PHE B 98 23.80 -14.77 7.74
CA PHE B 98 23.37 -13.97 8.91
C PHE B 98 21.92 -14.30 9.26
N LEU B 99 21.07 -14.44 8.25
CA LEU B 99 19.66 -14.82 8.46
C LEU B 99 19.48 -16.20 9.10
N ALA B 100 20.33 -17.16 8.74
CA ALA B 100 20.36 -18.47 9.41
C ALA B 100 20.74 -18.29 10.89
N GLU B 101 21.77 -17.49 11.14
CA GLU B 101 22.11 -17.08 12.51
C GLU B 101 20.93 -16.45 13.28
N CYS B 102 20.17 -15.58 12.62
CA CYS B 102 18.98 -15.01 13.26
C CYS B 102 17.94 -16.07 13.60
N ASP B 103 17.79 -17.06 12.72
CA ASP B 103 16.79 -18.11 12.91
C ASP B 103 17.17 -19.00 14.10
N THR B 104 18.45 -19.34 14.21
CA THR B 104 18.98 -20.01 15.40
C THR B 104 18.59 -19.29 16.69
N VAL B 105 18.77 -17.97 16.73
CA VAL B 105 18.39 -17.18 17.91
C VAL B 105 16.88 -17.16 18.11
N GLU B 106 16.15 -16.66 17.12
CA GLU B 106 14.69 -16.52 17.19
C GLU B 106 14.02 -17.85 17.51
N GLN B 107 14.39 -18.90 16.76
CA GLN B 107 13.85 -20.24 16.94
C GLN B 107 14.59 -20.89 18.10
N ASN B 108 14.22 -20.44 19.30
CA ASN B 108 14.77 -20.88 20.56
C ASN B 108 13.94 -20.25 21.70
N ILE B 109 13.81 -18.92 21.64
CA ILE B 109 13.20 -18.11 22.69
C ILE B 109 11.78 -17.60 22.35
N CYS B 110 11.05 -17.16 23.38
CA CYS B 110 9.71 -16.54 23.25
C CYS B 110 8.74 -17.23 22.26
N GLN B 111 8.11 -18.33 22.71
CA GLN B 111 7.08 -19.04 21.93
C GLN B 111 5.69 -18.92 22.58
O15 3BH C . 1.23 -2.41 -7.64
C8 3BH C . 0.42 -1.30 -7.18
C14 3BH C . -0.67 -1.71 -6.20
O19 3BH C . -1.28 -2.99 -6.50
C13 3BH C . -1.74 -0.61 -6.39
C18 3BH C . -1.74 0.53 -5.32
O20 3BH C . -0.48 1.20 -5.35
O7 3BH C . -1.46 0.06 -7.63
C3 3BH C . -0.43 -0.69 -8.30
N1 3BH C . 0.38 0.18 -9.17
C2 3BH C . 0.65 -0.11 -10.44
N6 3BH C . 0.27 -1.16 -11.20
C12 3BH C . 0.65 -1.24 -12.45
N16 3BH C . 1.45 -0.25 -13.04
C11 3BH C . 1.85 0.86 -12.28
N17 3BH C . 2.62 1.80 -12.84
C5 3BH C . 1.43 0.93 -10.96
N9 3BH C . 1.61 1.82 -9.99
C4 3BH C . 0.96 1.36 -8.90
N10 3BH C . 0.94 1.99 -7.73
#